data_4ZKB
#
_entry.id   4ZKB
#
_cell.length_a   78.000
_cell.length_b   78.000
_cell.length_c   186.020
_cell.angle_alpha   90.00
_cell.angle_beta   90.00
_cell.angle_gamma   90.00
#
_symmetry.space_group_name_H-M   'P 43 21 2'
#
loop_
_entity.id
_entity.type
_entity.pdbx_description
1 polymer 'Chemokine binding protein'
2 polymer 'C-C motif chemokine 3'
3 branched 2-acetamido-2-deoxy-beta-D-glucopyranose-(1-4)-2-acetamido-2-deoxy-beta-D-glucopyranose
4 branched beta-D-mannopyranose-(1-4)-2-acetamido-2-deoxy-beta-D-glucopyranose-(1-4)-2-acetamido-2-deoxy-beta-D-glucopyranose
#
loop_
_entity_poly.entity_id
_entity_poly.type
_entity_poly.pdbx_seq_one_letter_code
_entity_poly.pdbx_strand_id
1 'polypeptide(L)'
;APLLESQRSNSEEKANFCSTHNDEVYARFRLQMRVGVRHSPLYTPSNMCMLDIEDSVEDIEESTEKEYASTATGEAAGVN
VSVALVGEGVSIPFSYIGLGFNPSLEDSYLYVNVSSRAPWVKQTSDLSANGGWGIKQVLEKELLAIQIGCDNQKFPEEPT
TTPPSPVTTTLSSTTPDLNEENTENTPTTTGASVDRKRNPADIDFSLLVDPRCVTSVDLHVELRDACIDYKQESPLSLKG
KYGDGELVKKEIKDVGKNHNMCSLNLNPGNENLYFQ
;
A
2 'polypeptide(L)' SLAADTPTACCFSYTSRQIPQNFIADYFETSSQCSKPGVIFLTKRSRQVCADPSEEWVQKYVSDLELSAHHHHHH B
#
loop_
_chem_comp.id
_chem_comp.type
_chem_comp.name
_chem_comp.formula
BMA D-saccharide, beta linking beta-D-mannopyranose 'C6 H12 O6'
NAG D-saccharide, beta linking 2-acetamido-2-deoxy-beta-D-glucopyranose 'C8 H15 N O6'
#
# COMPACT_ATOMS: atom_id res chain seq x y z
N SER A 11 -14.47 -17.69 -11.05
CA SER A 11 -14.27 -17.33 -12.49
C SER A 11 -14.03 -18.54 -13.37
N GLU A 12 -14.24 -18.37 -14.66
CA GLU A 12 -13.99 -19.42 -15.65
C GLU A 12 -12.50 -19.79 -15.66
N GLU A 13 -11.65 -18.78 -15.81
CA GLU A 13 -10.21 -18.95 -15.76
C GLU A 13 -9.73 -19.50 -14.42
N LYS A 14 -10.31 -18.99 -13.34
CA LYS A 14 -9.78 -19.19 -11.99
C LYS A 14 -9.87 -20.62 -11.48
N ALA A 15 -11.07 -21.10 -11.22
CA ALA A 15 -11.25 -22.39 -10.53
C ALA A 15 -10.47 -23.52 -11.22
N ASN A 16 -10.58 -23.59 -12.54
CA ASN A 16 -9.87 -24.60 -13.34
C ASN A 16 -8.34 -24.52 -13.21
N PHE A 17 -7.84 -23.30 -12.99
CA PHE A 17 -6.44 -23.11 -12.60
C PHE A 17 -6.24 -23.61 -11.18
N CYS A 18 -6.98 -23.06 -10.20
CA CYS A 18 -6.73 -23.38 -8.79
C CYS A 18 -6.72 -24.90 -8.58
N SER A 19 -7.74 -25.57 -9.12
CA SER A 19 -7.83 -27.03 -9.03
C SER A 19 -6.56 -27.72 -9.51
N THR A 20 -5.99 -27.22 -10.60
CA THR A 20 -4.72 -27.72 -11.13
C THR A 20 -3.53 -27.54 -10.19
N HIS A 21 -3.61 -26.65 -9.20
CA HIS A 21 -2.50 -26.45 -8.24
C HIS A 21 -2.96 -26.50 -6.78
N ASN A 22 -3.34 -27.69 -6.34
CA ASN A 22 -3.76 -27.90 -4.96
C ASN A 22 -2.62 -27.60 -3.98
N ASP A 23 -1.40 -27.98 -4.37
CA ASP A 23 -0.26 -27.97 -3.44
C ASP A 23 0.49 -26.63 -3.33
N GLU A 24 0.05 -25.60 -4.06
CA GLU A 24 0.82 -24.35 -4.15
C GLU A 24 0.23 -23.22 -3.32
N VAL A 25 1.04 -22.17 -3.12
CA VAL A 25 0.58 -20.91 -2.54
C VAL A 25 1.06 -19.73 -3.39
N TYR A 26 0.10 -18.97 -3.92
CA TYR A 26 0.37 -17.77 -4.72
C TYR A 26 -0.22 -16.56 -4.03
N ALA A 27 0.60 -15.57 -3.69
CA ALA A 27 0.11 -14.41 -2.94
C ALA A 27 -0.81 -13.57 -3.79
N ARG A 28 -1.74 -12.90 -3.12
CA ARG A 28 -2.61 -11.95 -3.76
C ARG A 28 -2.78 -10.77 -2.81
N PHE A 29 -2.50 -9.58 -3.34
CA PHE A 29 -2.56 -8.35 -2.56
C PHE A 29 -3.68 -7.46 -3.04
N ARG A 30 -4.46 -7.00 -2.08
CA ARG A 30 -5.53 -6.08 -2.39
C ARG A 30 -5.58 -4.96 -1.38
N LEU A 31 -5.76 -3.75 -1.89
CA LEU A 31 -5.85 -2.58 -1.05
C LEU A 31 -7.02 -1.76 -1.55
N GLN A 32 -7.97 -1.51 -0.65
CA GLN A 32 -9.04 -0.53 -0.84
C GLN A 32 -8.83 0.58 0.16
N MET A 33 -8.77 1.81 -0.33
CA MET A 33 -8.42 2.97 0.50
C MET A 33 -9.30 4.17 0.15
N ARG A 34 -9.79 4.86 1.16
CA ARG A 34 -10.51 6.11 1.00
C ARG A 34 -9.82 7.21 1.77
N VAL A 35 -9.52 8.28 1.06
CA VAL A 35 -8.78 9.39 1.58
C VAL A 35 -9.72 10.58 1.64
N GLY A 36 -9.85 11.16 2.82
CA GLY A 36 -10.53 12.44 2.97
C GLY A 36 -9.73 13.56 2.34
N VAL A 37 -10.31 14.19 1.34
CA VAL A 37 -9.63 15.27 0.66
C VAL A 37 -10.23 16.64 0.98
N ARG A 38 -9.37 17.63 0.90
CA ARG A 38 -9.74 19.01 0.91
C ARG A 38 -8.68 19.71 0.10
N HIS A 39 -9.00 20.88 -0.43
CA HIS A 39 -8.12 21.54 -1.37
C HIS A 39 -7.73 22.88 -0.82
N SER A 40 -6.70 23.45 -1.42
CA SER A 40 -6.27 24.79 -1.05
C SER A 40 -7.22 25.77 -1.69
N PRO A 41 -7.20 27.02 -1.21
CA PRO A 41 -8.01 28.05 -1.87
C PRO A 41 -7.68 28.22 -3.36
N LEU A 42 -6.40 28.05 -3.72
CA LEU A 42 -5.94 28.28 -5.10
C LEU A 42 -6.08 27.10 -6.04
N TYR A 43 -6.43 25.93 -5.52
CA TYR A 43 -6.62 24.76 -6.34
C TYR A 43 -7.59 25.11 -7.44
N THR A 44 -7.31 24.59 -8.62
CA THR A 44 -8.11 24.86 -9.80
C THR A 44 -8.62 23.50 -10.29
N PRO A 45 -9.94 23.29 -10.25
CA PRO A 45 -10.50 21.98 -10.62
C PRO A 45 -9.90 21.41 -11.88
N SER A 46 -9.62 20.12 -11.84
CA SER A 46 -9.06 19.40 -12.97
C SER A 46 -9.62 18.03 -12.99
N ASN A 47 -9.71 17.46 -14.19
CA ASN A 47 -10.20 16.11 -14.41
C ASN A 47 -9.07 15.14 -14.62
N MET A 48 -7.86 15.65 -14.53
CA MET A 48 -6.68 14.89 -14.85
C MET A 48 -6.50 13.78 -13.85
N CYS A 49 -5.81 12.75 -14.28
CA CYS A 49 -5.60 11.58 -13.50
C CYS A 49 -4.32 10.98 -14.05
N MET A 50 -3.32 10.86 -13.18
CA MET A 50 -2.04 10.30 -13.58
C MET A 50 -1.84 8.99 -12.84
N LEU A 51 -1.56 7.92 -13.58
CA LEU A 51 -1.37 6.59 -12.97
C LEU A 51 -0.07 5.92 -13.38
N ASP A 52 0.57 5.25 -12.42
CA ASP A 52 1.78 4.51 -12.74
C ASP A 52 1.95 3.34 -11.84
N ILE A 53 2.56 2.29 -12.37
CA ILE A 53 3.01 1.15 -11.58
C ILE A 53 4.42 0.80 -12.02
N GLU A 54 5.36 0.87 -11.10
CA GLU A 54 6.73 0.64 -11.49
C GLU A 54 7.37 -0.28 -10.46
N ASP A 55 8.10 -1.29 -10.96
CA ASP A 55 8.69 -2.31 -10.07
C ASP A 55 10.19 -2.20 -9.98
N SER A 56 10.71 -2.17 -8.75
CA SER A 56 12.15 -2.01 -8.52
C SER A 56 12.78 -3.17 -7.78
N VAL A 57 14.06 -3.39 -8.10
CA VAL A 57 14.95 -4.34 -7.43
C VAL A 57 16.12 -3.55 -6.82
N GLU A 58 16.37 -3.70 -5.53
CA GLU A 58 17.52 -3.02 -4.93
C GLU A 58 18.29 -4.05 -4.14
N ASP A 59 19.49 -3.71 -3.70
CA ASP A 59 20.29 -4.67 -2.93
C ASP A 59 20.34 -4.30 -1.45
N ILE A 60 20.08 -5.28 -0.59
CA ILE A 60 20.55 -5.24 0.79
C ILE A 60 21.90 -5.94 0.74
N GLU A 61 22.98 -5.21 1.02
CA GLU A 61 24.34 -5.80 1.05
C GLU A 61 24.52 -6.64 2.32
N GLU A 62 23.83 -6.25 3.39
CA GLU A 62 23.73 -7.04 4.60
C GLU A 62 23.34 -8.48 4.27
N SER A 63 22.24 -8.61 3.53
CA SER A 63 21.68 -9.90 3.15
C SER A 63 22.19 -10.41 1.81
N THR A 64 22.13 -11.73 1.62
CA THR A 64 22.24 -12.32 0.29
C THR A 64 21.04 -11.89 -0.59
N GLU A 65 19.88 -11.67 0.05
CA GLU A 65 18.61 -11.42 -0.65
C GLU A 65 18.52 -10.07 -1.35
N LYS A 66 17.83 -10.05 -2.48
CA LYS A 66 17.53 -8.78 -3.15
C LYS A 66 16.19 -8.23 -2.64
N GLU A 67 16.02 -6.92 -2.72
CA GLU A 67 14.76 -6.27 -2.38
C GLU A 67 13.91 -6.01 -3.61
N TYR A 68 12.65 -6.41 -3.55
CA TYR A 68 11.71 -6.26 -4.65
C TYR A 68 10.54 -5.39 -4.22
N ALA A 69 10.45 -4.18 -4.76
CA ALA A 69 9.31 -3.34 -4.42
C ALA A 69 8.42 -3.19 -5.64
N SER A 70 7.12 -3.30 -5.42
CA SER A 70 6.19 -2.93 -6.47
C SER A 70 5.61 -1.62 -6.03
N THR A 71 5.69 -0.61 -6.89
CA THR A 71 5.20 0.70 -6.49
C THR A 71 4.13 1.27 -7.40
N ALA A 72 2.92 1.42 -6.83
CA ALA A 72 1.77 1.99 -7.53
C ALA A 72 1.58 3.41 -7.09
N THR A 73 1.43 4.29 -8.06
CA THR A 73 1.18 5.69 -7.81
C THR A 73 0.00 6.20 -8.61
N GLY A 74 -0.73 7.11 -7.98
CA GLY A 74 -1.85 7.79 -8.63
C GLY A 74 -1.99 9.25 -8.17
N GLU A 75 -2.32 10.13 -9.11
CA GLU A 75 -2.55 11.51 -8.77
C GLU A 75 -3.77 12.05 -9.47
N ALA A 76 -4.73 12.43 -8.65
CA ALA A 76 -5.91 13.15 -9.07
C ALA A 76 -6.29 14.12 -7.97
N ALA A 77 -7.09 15.11 -8.33
CA ALA A 77 -7.68 16.01 -7.36
C ALA A 77 -6.70 16.73 -6.46
N GLY A 78 -5.48 16.94 -6.95
CA GLY A 78 -4.42 17.64 -6.18
C GLY A 78 -3.70 16.77 -5.15
N VAL A 79 -4.26 15.57 -4.93
CA VAL A 79 -3.67 14.62 -4.05
C VAL A 79 -2.83 13.63 -4.86
N ASN A 80 -1.59 13.38 -4.43
CA ASN A 80 -0.76 12.28 -4.97
C ASN A 80 -0.46 11.17 -3.97
N VAL A 81 -0.75 9.95 -4.41
CA VAL A 81 -0.70 8.78 -3.58
C VAL A 81 0.36 7.85 -4.08
N SER A 82 1.11 7.31 -3.11
CA SER A 82 2.11 6.30 -3.34
C SER A 82 1.77 5.09 -2.50
N VAL A 83 1.88 3.93 -3.13
CA VAL A 83 1.64 2.65 -2.49
C VAL A 83 2.72 1.69 -2.92
N ALA A 84 3.68 1.45 -2.05
CA ALA A 84 4.78 0.54 -2.34
C ALA A 84 4.72 -0.71 -1.47
N LEU A 85 4.79 -1.86 -2.13
CA LEU A 85 4.88 -3.13 -1.45
C LEU A 85 6.30 -3.69 -1.62
N VAL A 86 7.00 -3.78 -0.48
CA VAL A 86 8.41 -4.09 -0.43
C VAL A 86 8.64 -5.48 0.15
N GLY A 87 9.12 -6.36 -0.72
CA GLY A 87 9.47 -7.71 -0.35
C GLY A 87 10.98 -7.94 -0.35
N GLU A 88 11.40 -8.94 0.42
CA GLU A 88 12.78 -9.23 0.59
C GLU A 88 13.03 -10.67 0.14
N GLY A 89 13.53 -10.83 -1.07
CA GLY A 89 13.72 -12.14 -1.67
C GLY A 89 12.47 -12.62 -2.37
N VAL A 90 11.44 -11.77 -2.43
CA VAL A 90 10.12 -12.18 -2.94
C VAL A 90 9.35 -11.04 -3.61
N SER A 91 8.94 -11.28 -4.86
CA SER A 91 8.23 -10.29 -5.63
C SER A 91 6.76 -10.58 -5.67
N ILE A 92 5.99 -9.73 -4.98
CA ILE A 92 4.55 -9.59 -5.20
C ILE A 92 4.36 -8.34 -6.06
N PRO A 93 4.02 -8.50 -7.34
CA PRO A 93 3.91 -7.39 -8.29
C PRO A 93 2.47 -6.88 -8.50
N PHE A 94 2.32 -5.56 -8.49
CA PHE A 94 1.03 -4.95 -8.73
C PHE A 94 0.67 -5.03 -10.20
N SER A 95 -0.62 -5.13 -10.49
CA SER A 95 -1.03 -5.12 -11.89
C SER A 95 -2.13 -4.12 -12.20
N TYR A 96 -2.70 -3.51 -11.17
CA TYR A 96 -3.89 -2.72 -11.36
C TYR A 96 -3.97 -1.66 -10.33
N ILE A 97 -4.22 -0.43 -10.77
CA ILE A 97 -4.54 0.58 -9.81
C ILE A 97 -5.76 1.30 -10.29
N GLY A 98 -6.63 1.64 -9.35
CA GLY A 98 -7.90 2.32 -9.66
C GLY A 98 -8.06 3.57 -8.83
N LEU A 99 -8.41 4.67 -9.47
CA LEU A 99 -8.74 5.91 -8.76
C LEU A 99 -10.18 6.28 -8.97
N GLY A 100 -10.76 6.84 -7.92
CA GLY A 100 -12.10 7.39 -7.99
C GLY A 100 -12.05 8.71 -7.28
N PHE A 101 -12.33 9.79 -8.00
CA PHE A 101 -12.17 11.11 -7.38
C PHE A 101 -13.21 12.11 -7.86
N ASN A 102 -13.38 13.16 -7.07
CA ASN A 102 -14.20 14.27 -7.48
C ASN A 102 -13.27 15.44 -7.78
N PRO A 103 -13.37 16.00 -8.98
CA PRO A 103 -12.43 17.03 -9.40
C PRO A 103 -12.68 18.40 -8.80
N SER A 104 -13.82 18.61 -8.15
CA SER A 104 -14.21 19.95 -7.72
C SER A 104 -13.35 20.47 -6.58
N LEU A 105 -13.56 21.74 -6.24
CA LEU A 105 -12.78 22.38 -5.20
C LEU A 105 -13.26 21.95 -3.82
N GLU A 106 -14.49 21.44 -3.75
CA GLU A 106 -15.07 21.09 -2.46
C GLU A 106 -14.32 19.93 -1.80
N ASP A 107 -14.42 19.87 -0.48
CA ASP A 107 -14.00 18.69 0.26
C ASP A 107 -14.74 17.47 -0.24
N SER A 108 -14.02 16.36 -0.44
CA SER A 108 -14.60 15.12 -0.99
C SER A 108 -13.82 13.91 -0.51
N TYR A 109 -14.16 12.72 -1.00
CA TYR A 109 -13.36 11.51 -0.76
C TYR A 109 -12.68 11.01 -2.03
N LEU A 110 -11.48 10.47 -1.87
CA LEU A 110 -10.73 9.84 -2.96
C LEU A 110 -10.56 8.35 -2.72
N TYR A 111 -10.92 7.54 -3.70
CA TYR A 111 -10.88 6.11 -3.56
C TYR A 111 -9.77 5.49 -4.39
N VAL A 112 -8.96 4.63 -3.77
CA VAL A 112 -7.87 3.93 -4.47
C VAL A 112 -8.01 2.43 -4.36
N ASN A 113 -8.01 1.74 -5.49
CA ASN A 113 -7.86 0.29 -5.50
C ASN A 113 -6.44 -0.02 -5.89
N VAL A 114 -5.79 -0.95 -5.21
CA VAL A 114 -4.59 -1.59 -5.78
C VAL A 114 -4.63 -3.11 -5.64
N SER A 115 -4.32 -3.81 -6.74
CA SER A 115 -4.34 -5.27 -6.77
C SER A 115 -3.07 -5.83 -7.39
N SER A 116 -2.56 -6.90 -6.77
CA SER A 116 -1.42 -7.59 -7.33
C SER A 116 -1.85 -8.49 -8.49
N ARG A 117 -0.87 -9.03 -9.20
CA ARG A 117 -1.12 -9.87 -10.37
C ARG A 117 -1.77 -11.20 -10.00
N ALA A 118 -2.74 -11.60 -10.81
CA ALA A 118 -3.41 -12.89 -10.69
C ALA A 118 -2.58 -14.02 -11.29
N PRO A 119 -2.35 -15.06 -10.50
CA PRO A 119 -1.47 -16.14 -10.94
C PRO A 119 -1.97 -16.85 -12.19
N TRP A 120 -3.29 -17.04 -12.28
CA TRP A 120 -3.91 -17.63 -13.48
C TRP A 120 -3.76 -16.73 -14.70
N VAL A 121 -3.55 -15.44 -14.46
CA VAL A 121 -3.30 -14.53 -15.56
C VAL A 121 -1.82 -14.66 -15.94
N LYS A 122 -0.96 -14.48 -14.94
CA LYS A 122 0.49 -14.61 -15.14
C LYS A 122 1.15 -15.10 -13.84
N GLN A 123 1.41 -16.40 -13.78
CA GLN A 123 1.89 -17.05 -12.52
C GLN A 123 2.92 -16.22 -11.77
N THR A 124 2.57 -15.79 -10.57
CA THR A 124 3.54 -15.28 -9.63
C THR A 124 4.43 -16.48 -9.22
N SER A 125 5.32 -16.26 -8.28
CA SER A 125 6.12 -17.34 -7.73
C SER A 125 5.26 -18.19 -6.80
N ASP A 126 5.59 -19.48 -6.68
CA ASP A 126 4.91 -20.34 -5.72
C ASP A 126 5.67 -20.27 -4.40
N LEU A 127 5.06 -19.70 -3.37
CA LEU A 127 5.79 -19.45 -2.14
C LEU A 127 5.90 -20.67 -1.25
N SER A 128 5.14 -21.73 -1.53
CA SER A 128 5.22 -22.95 -0.69
C SER A 128 6.58 -23.63 -0.85
N ALA A 129 7.23 -23.40 -1.98
CA ALA A 129 8.46 -24.10 -2.30
C ALA A 129 9.57 -23.93 -1.28
N ASN A 130 10.44 -24.93 -1.27
CA ASN A 130 11.55 -25.02 -0.33
C ASN A 130 11.01 -25.01 1.09
N GLY A 131 10.10 -25.91 1.39
CA GLY A 131 9.44 -25.91 2.69
C GLY A 131 9.01 -24.51 3.09
N GLY A 132 8.23 -23.87 2.22
CA GLY A 132 7.66 -22.56 2.49
C GLY A 132 8.62 -21.41 2.61
N TRP A 133 9.72 -21.44 1.86
CA TRP A 133 10.76 -20.44 2.07
C TRP A 133 10.23 -19.00 1.94
N GLY A 134 9.51 -18.74 0.85
CA GLY A 134 8.93 -17.42 0.62
C GLY A 134 7.99 -16.92 1.70
N ILE A 135 7.17 -17.82 2.25
CA ILE A 135 6.17 -17.42 3.24
C ILE A 135 6.87 -16.82 4.46
N LYS A 136 7.86 -17.54 4.97
CA LYS A 136 8.68 -17.03 6.06
C LYS A 136 9.19 -15.63 5.70
N GLN A 137 9.55 -15.39 4.43
CA GLN A 137 10.02 -14.06 4.02
C GLN A 137 8.90 -13.02 4.11
N VAL A 138 7.78 -13.30 3.46
CA VAL A 138 6.68 -12.36 3.44
C VAL A 138 6.38 -12.01 4.90
N LEU A 139 6.09 -13.06 5.67
CA LEU A 139 5.76 -12.93 7.07
C LEU A 139 6.80 -12.19 7.90
N GLU A 140 8.08 -12.44 7.64
CA GLU A 140 9.12 -11.91 8.52
C GLU A 140 9.57 -10.49 8.13
N LYS A 141 9.56 -10.17 6.83
CA LYS A 141 10.11 -8.90 6.37
C LYS A 141 9.25 -8.09 5.38
N GLU A 142 8.07 -8.57 4.98
CA GLU A 142 7.24 -7.76 4.04
C GLU A 142 6.82 -6.42 4.64
N LEU A 143 7.02 -5.34 3.87
CA LEU A 143 6.58 -4.01 4.30
C LEU A 143 5.63 -3.39 3.29
N LEU A 144 4.63 -2.68 3.82
CA LEU A 144 3.73 -1.88 3.01
C LEU A 144 3.93 -0.41 3.34
N ALA A 145 4.31 0.39 2.36
CA ALA A 145 4.46 1.82 2.56
C ALA A 145 3.44 2.59 1.76
N ILE A 146 2.57 3.33 2.45
CA ILE A 146 1.59 4.17 1.78
C ILE A 146 1.86 5.60 2.14
N GLN A 147 2.03 6.44 1.12
CA GLN A 147 2.31 7.84 1.35
C GLN A 147 1.33 8.69 0.57
N ILE A 148 0.90 9.81 1.14
CA ILE A 148 -0.09 10.64 0.48
C ILE A 148 0.22 12.12 0.65
N GLY A 149 0.28 12.85 -0.47
CA GLY A 149 0.66 14.26 -0.44
C GLY A 149 -0.28 15.14 -1.24
N CYS A 150 -0.14 16.46 -1.09
CA CYS A 150 -0.96 17.44 -1.83
C CYS A 150 -0.11 18.06 -2.89
N ASP A 151 0.07 17.35 -3.97
CA ASP A 151 1.25 17.59 -4.76
C ASP A 151 1.10 18.79 -5.63
N ASN A 152 2.14 19.61 -5.61
CA ASN A 152 2.17 20.82 -6.41
C ASN A 152 1.34 21.95 -5.78
N GLN A 153 0.32 21.59 -4.97
CA GLN A 153 -0.54 22.56 -4.26
C GLN A 153 0.26 23.54 -3.39
N LYS A 154 -0.10 24.83 -3.44
CA LYS A 154 0.47 25.87 -2.57
C LYS A 154 -0.57 26.37 -1.54
N PHE A 155 -0.14 26.48 -0.30
CA PHE A 155 -1.06 26.72 0.79
C PHE A 155 -0.74 28.04 1.47
N PRO A 156 -1.74 28.62 2.15
CA PRO A 156 -1.46 29.84 2.88
C PRO A 156 -0.59 29.56 4.12
N GLU A 157 0.53 30.29 4.25
CA GLU A 157 1.42 30.21 5.42
C GLU A 157 1.52 31.57 6.11
N ASN A 199 -1.75 -10.69 15.46
CA ASN A 199 -0.50 -9.93 15.38
C ASN A 199 0.37 -10.38 14.22
N PRO A 200 0.89 -11.64 14.25
CA PRO A 200 1.61 -12.17 13.07
C PRO A 200 0.75 -12.24 11.77
N ALA A 201 -0.57 -12.18 11.91
CA ALA A 201 -1.49 -12.05 10.77
C ALA A 201 -1.69 -10.59 10.33
N ASP A 202 -1.20 -9.64 11.11
CA ASP A 202 -1.36 -8.24 10.78
C ASP A 202 -0.27 -7.78 9.85
N ILE A 203 -0.69 -7.16 8.75
CA ILE A 203 0.23 -6.58 7.77
C ILE A 203 1.00 -5.42 8.37
N ASP A 204 2.28 -5.33 8.01
CA ASP A 204 3.16 -4.26 8.49
C ASP A 204 3.14 -3.10 7.51
N PHE A 205 2.34 -2.08 7.79
CA PHE A 205 2.30 -0.90 6.93
C PHE A 205 2.67 0.38 7.67
N SER A 206 3.46 1.21 6.99
CA SER A 206 3.62 2.60 7.34
C SER A 206 2.69 3.42 6.47
N LEU A 207 1.95 4.30 7.13
CA LEU A 207 0.98 5.17 6.50
C LEU A 207 1.35 6.62 6.79
N LEU A 208 1.82 7.32 5.77
CA LEU A 208 2.29 8.67 5.93
C LEU A 208 1.48 9.64 5.06
N VAL A 209 1.00 10.73 5.65
CA VAL A 209 0.16 11.69 4.93
C VAL A 209 0.43 13.16 5.25
N ASP A 210 -0.07 14.02 4.39
CA ASP A 210 -0.03 15.47 4.58
C ASP A 210 -1.38 16.01 5.09
N PRO A 211 -1.39 16.57 6.30
CA PRO A 211 -2.62 17.10 6.92
C PRO A 211 -3.27 18.28 6.20
N ARG A 212 -2.53 18.95 5.31
CA ARG A 212 -3.04 20.13 4.63
C ARG A 212 -4.12 19.77 3.61
N CYS A 213 -3.98 18.62 2.96
CA CYS A 213 -5.02 18.15 2.05
C CYS A 213 -5.66 16.87 2.51
N VAL A 214 -5.03 16.10 3.39
CA VAL A 214 -5.63 14.85 3.81
C VAL A 214 -6.31 15.05 5.15
N THR A 215 -7.64 14.92 5.15
CA THR A 215 -8.45 15.12 6.36
C THR A 215 -8.59 13.81 7.11
N SER A 216 -8.65 12.71 6.36
CA SER A 216 -8.87 11.41 6.95
C SER A 216 -8.30 10.32 6.06
N VAL A 217 -8.06 9.14 6.62
CA VAL A 217 -7.73 7.98 5.81
C VAL A 217 -8.39 6.78 6.42
N ASP A 218 -9.06 5.99 5.58
CA ASP A 218 -9.55 4.69 6.05
C ASP A 218 -9.23 3.71 4.98
N LEU A 219 -8.81 2.52 5.36
CA LEU A 219 -8.40 1.54 4.38
C LEU A 219 -8.53 0.13 4.88
N HIS A 220 -8.83 -0.77 3.94
CA HIS A 220 -8.74 -2.19 4.17
C HIS A 220 -7.68 -2.70 3.20
N VAL A 221 -6.82 -3.59 3.70
CA VAL A 221 -5.75 -4.19 2.89
C VAL A 221 -5.59 -5.65 3.28
N GLU A 222 -5.28 -6.47 2.29
CA GLU A 222 -5.14 -7.89 2.51
C GLU A 222 -4.04 -8.46 1.64
N LEU A 223 -3.28 -9.39 2.22
CA LEU A 223 -2.22 -10.14 1.52
C LEU A 223 -2.42 -11.63 1.75
N ARG A 224 -3.04 -12.31 0.80
CA ARG A 224 -3.60 -13.62 1.08
C ARG A 224 -3.27 -14.68 0.06
N ASP A 225 -3.54 -15.93 0.42
CA ASP A 225 -3.45 -17.00 -0.55
C ASP A 225 -4.49 -16.80 -1.63
N ALA A 226 -4.03 -16.69 -2.88
CA ALA A 226 -4.89 -16.40 -4.02
C ALA A 226 -6.04 -17.37 -4.12
N CYS A 227 -5.74 -18.65 -3.99
CA CYS A 227 -6.80 -19.65 -4.05
C CYS A 227 -7.38 -19.97 -2.66
N ILE A 228 -7.36 -19.02 -1.72
CA ILE A 228 -7.88 -19.30 -0.38
C ILE A 228 -9.33 -19.79 -0.43
N ASP A 229 -10.11 -19.27 -1.38
CA ASP A 229 -11.49 -19.73 -1.64
C ASP A 229 -11.61 -21.24 -2.00
N TYR A 230 -10.49 -21.95 -2.06
CA TYR A 230 -10.46 -23.40 -2.23
C TYR A 230 -9.58 -24.08 -1.17
N LYS A 231 -9.46 -23.44 0.01
CA LYS A 231 -8.63 -23.96 1.09
C LYS A 231 -9.29 -23.66 2.45
N GLN A 232 -9.35 -24.65 3.34
CA GLN A 232 -9.89 -24.45 4.70
C GLN A 232 -8.98 -23.49 5.49
N GLU A 233 -7.69 -23.79 5.49
CA GLU A 233 -6.64 -22.92 6.04
C GLU A 233 -5.77 -22.41 4.90
N SER A 234 -4.90 -21.45 5.20
CA SER A 234 -3.70 -21.22 4.39
C SER A 234 -2.64 -20.59 5.27
N PRO A 235 -1.38 -21.05 5.11
CA PRO A 235 -0.29 -20.44 5.88
C PRO A 235 -0.20 -18.95 5.58
N LEU A 236 -0.62 -18.57 4.36
CA LEU A 236 -0.58 -17.19 3.92
C LEU A 236 -1.96 -16.50 3.96
N SER A 237 -2.19 -15.74 5.03
CA SER A 237 -3.41 -14.95 5.14
C SER A 237 -3.19 -13.70 6.02
N LEU A 238 -2.88 -12.58 5.39
CA LEU A 238 -2.63 -11.33 6.12
C LEU A 238 -3.68 -10.26 5.88
N LYS A 239 -3.95 -9.51 6.95
CA LYS A 239 -5.03 -8.56 7.04
C LYS A 239 -4.45 -7.25 7.54
N GLY A 240 -5.09 -6.16 7.17
CA GLY A 240 -4.68 -4.84 7.62
C GLY A 240 -5.85 -3.89 7.50
N LYS A 241 -6.11 -3.18 8.59
CA LYS A 241 -7.17 -2.20 8.64
C LYS A 241 -6.54 -0.90 9.03
N TYR A 242 -7.08 0.20 8.52
CA TYR A 242 -6.91 1.49 9.19
C TYR A 242 -8.25 2.17 9.16
N GLY A 243 -8.67 2.75 10.28
CA GLY A 243 -9.99 3.35 10.39
C GLY A 243 -11.04 2.28 10.17
N ASP A 244 -12.03 2.55 9.33
CA ASP A 244 -13.12 1.59 9.05
C ASP A 244 -12.92 0.90 7.69
N GLY A 245 -12.21 -0.23 7.70
CA GLY A 245 -11.96 -1.02 6.50
C GLY A 245 -13.19 -1.68 5.91
N GLU A 246 -13.97 -2.32 6.77
CA GLU A 246 -15.11 -3.09 6.31
C GLU A 246 -16.05 -2.16 5.56
N LEU A 247 -16.11 -0.90 6.00
CA LEU A 247 -16.87 0.13 5.30
C LEU A 247 -16.28 0.40 3.92
N VAL A 248 -15.06 0.93 3.89
CA VAL A 248 -14.47 1.28 2.60
C VAL A 248 -14.49 0.12 1.61
N LYS A 249 -14.38 -1.12 2.09
CA LYS A 249 -14.42 -2.29 1.20
C LYS A 249 -15.76 -2.40 0.48
N LYS A 250 -16.84 -2.10 1.18
CA LYS A 250 -18.17 -2.05 0.55
C LYS A 250 -18.27 -0.79 -0.30
N GLU A 251 -18.06 0.34 0.36
CA GLU A 251 -18.28 1.64 -0.25
C GLU A 251 -17.54 1.78 -1.58
N ILE A 252 -16.23 1.55 -1.55
CA ILE A 252 -15.45 1.62 -2.78
C ILE A 252 -16.05 0.83 -3.96
N LYS A 253 -16.81 -0.22 -3.66
CA LYS A 253 -17.40 -1.01 -4.74
C LYS A 253 -18.53 -0.26 -5.51
N ASP A 254 -18.95 0.92 -5.05
CA ASP A 254 -19.91 1.73 -5.83
C ASP A 254 -19.83 3.26 -5.63
N VAL A 255 -18.73 3.84 -6.14
CA VAL A 255 -18.52 5.31 -6.15
C VAL A 255 -18.52 5.86 -7.58
N GLY A 256 -18.58 4.98 -8.57
CA GLY A 256 -18.59 5.36 -9.97
C GLY A 256 -19.77 6.20 -10.43
N LYS A 257 -20.85 6.20 -9.65
CA LYS A 257 -22.02 7.06 -9.90
C LYS A 257 -21.74 8.55 -9.68
N ASN A 258 -20.94 8.86 -8.67
CA ASN A 258 -20.72 10.26 -8.25
C ASN A 258 -19.24 10.67 -8.28
N HIS A 259 -18.42 9.89 -8.95
CA HIS A 259 -17.01 10.21 -9.07
C HIS A 259 -16.49 9.97 -10.47
N ASN A 260 -15.48 10.76 -10.82
CA ASN A 260 -14.59 10.41 -11.89
C ASN A 260 -13.90 9.13 -11.50
N MET A 261 -13.64 8.32 -12.52
CA MET A 261 -13.02 7.03 -12.35
C MET A 261 -11.96 6.83 -13.43
N CYS A 262 -10.71 6.60 -13.00
CA CYS A 262 -9.66 6.15 -13.90
C CYS A 262 -9.00 4.90 -13.36
N SER A 263 -8.32 4.18 -14.23
CA SER A 263 -7.77 2.88 -13.87
C SER A 263 -6.61 2.57 -14.79
N LEU A 264 -5.58 1.93 -14.24
CA LEU A 264 -4.49 1.40 -15.04
C LEU A 264 -4.35 -0.07 -14.76
N ASN A 265 -4.35 -0.84 -15.84
CA ASN A 265 -4.17 -2.30 -15.84
C ASN A 265 -2.95 -2.67 -16.67
N LEU A 266 -2.01 -3.40 -16.09
CA LEU A 266 -0.82 -3.77 -16.84
C LEU A 266 -1.08 -4.95 -17.78
N ASN A 267 -0.43 -4.87 -18.94
CA ASN A 267 -0.37 -5.97 -19.87
C ASN A 267 -0.28 -7.30 -19.15
N PRO A 268 -1.15 -8.24 -19.51
CA PRO A 268 -0.94 -9.61 -19.08
C PRO A 268 -0.32 -10.45 -20.19
N GLY A 269 0.96 -10.83 -20.04
CA GLY A 269 1.66 -11.64 -21.03
C GLY A 269 2.64 -10.85 -21.88
N THR B 8 5.46 18.42 4.64
CA THR B 8 5.06 18.46 6.08
C THR B 8 4.30 17.17 6.41
N ALA B 9 5.01 16.24 7.04
CA ALA B 9 4.54 14.88 7.24
C ALA B 9 3.73 14.74 8.51
N CYS B 10 2.81 13.78 8.52
CA CYS B 10 2.12 13.43 9.74
C CYS B 10 1.80 11.97 9.75
N CYS B 11 2.45 11.24 10.64
CA CYS B 11 2.42 9.81 10.55
C CYS B 11 1.22 9.20 11.25
N PHE B 12 0.44 8.43 10.49
CA PHE B 12 -0.79 7.80 10.98
C PHE B 12 -0.58 6.33 11.36
N SER B 13 0.43 5.67 10.79
CA SER B 13 0.77 4.30 11.17
C SER B 13 2.27 4.04 11.05
N TYR B 14 2.82 3.41 12.08
CA TYR B 14 4.25 3.13 12.13
C TYR B 14 4.52 1.72 11.61
N THR B 15 5.78 1.44 11.28
CA THR B 15 6.19 0.07 10.97
C THR B 15 6.51 -0.62 12.28
N SER B 16 6.06 -1.86 12.44
CA SER B 16 6.30 -2.64 13.67
C SER B 16 7.76 -3.08 13.80
N ARG B 17 8.34 -3.49 12.68
CA ARG B 17 9.69 -4.04 12.62
C ARG B 17 10.71 -2.93 12.38
N GLN B 18 11.51 -2.62 13.39
CA GLN B 18 12.60 -1.66 13.23
C GLN B 18 13.68 -2.35 12.41
N ILE B 19 14.12 -1.71 11.34
CA ILE B 19 15.20 -2.25 10.50
C ILE B 19 15.79 -1.15 9.59
N PRO B 20 17.10 -1.24 9.27
CA PRO B 20 17.99 -2.35 9.56
C PRO B 20 18.62 -2.24 10.96
N ASP B 26 18.95 10.35 6.91
CA ASP B 26 18.53 11.34 7.91
C ASP B 26 17.19 10.97 8.54
N TYR B 27 16.58 11.90 9.27
CA TYR B 27 15.35 11.64 10.02
C TYR B 27 14.36 12.81 9.94
N PHE B 28 13.30 12.73 10.73
CA PHE B 28 12.40 13.87 10.99
C PHE B 28 11.66 13.62 12.31
N GLU B 29 11.02 14.66 12.86
CA GLU B 29 10.27 14.53 14.10
C GLU B 29 8.87 15.06 13.86
N THR B 30 7.90 14.15 13.71
CA THR B 30 6.53 14.55 13.38
C THR B 30 5.89 15.51 14.41
N SER B 31 6.49 15.64 15.59
CA SER B 31 5.98 16.48 16.70
C SER B 31 5.71 17.98 16.38
N SER B 32 5.47 18.32 15.11
CA SER B 32 5.08 19.67 14.72
C SER B 32 3.57 19.84 14.93
N GLN B 33 3.15 19.79 16.19
CA GLN B 33 1.74 19.60 16.55
C GLN B 33 1.32 18.20 16.09
N CYS B 34 0.67 18.11 14.93
CA CYS B 34 0.35 16.83 14.28
C CYS B 34 -0.72 16.01 15.02
N SER B 35 -1.19 14.94 14.37
CA SER B 35 -2.12 14.00 14.98
C SER B 35 -1.39 13.20 16.05
N LYS B 36 -0.18 12.74 15.69
CA LYS B 36 0.64 11.90 16.57
C LYS B 36 2.14 12.21 16.41
N PRO B 37 2.97 11.68 17.31
CA PRO B 37 4.40 11.87 17.16
C PRO B 37 4.95 10.79 16.26
N GLY B 38 6.17 10.97 15.78
CA GLY B 38 6.80 9.96 14.94
C GLY B 38 8.16 10.38 14.43
N VAL B 39 8.88 9.40 13.89
CA VAL B 39 10.12 9.64 13.19
C VAL B 39 9.98 9.09 11.77
N ILE B 40 9.76 9.98 10.82
CA ILE B 40 9.90 9.62 9.41
C ILE B 40 11.38 9.35 9.18
N PHE B 41 11.67 8.24 8.50
CA PHE B 41 13.03 7.84 8.20
C PHE B 41 13.18 7.73 6.69
N LEU B 42 14.14 8.49 6.15
CA LEU B 42 14.53 8.36 4.75
C LEU B 42 15.30 7.04 4.62
N THR B 43 15.12 6.33 3.51
CA THR B 43 15.72 5.01 3.33
C THR B 43 15.67 4.56 1.87
N ARG B 47 12.02 4.77 -0.57
CA ARG B 47 10.88 4.95 0.32
C ARG B 47 11.17 6.01 1.40
N GLN B 48 10.21 6.17 2.30
CA GLN B 48 10.27 7.07 3.44
C GLN B 48 9.41 6.38 4.51
N VAL B 49 10.02 5.65 5.44
CA VAL B 49 9.25 4.76 6.31
C VAL B 49 9.06 5.36 7.67
N CYS B 50 7.97 4.98 8.33
CA CYS B 50 7.54 5.63 9.56
C CYS B 50 7.71 4.77 10.81
N ALA B 51 7.97 5.43 11.93
CA ALA B 51 8.41 4.80 13.18
C ALA B 51 7.64 5.29 14.44
N ASP B 52 7.98 4.70 15.60
CA ASP B 52 7.42 5.10 16.93
C ASP B 52 8.54 5.43 17.92
N PRO B 53 8.21 5.49 19.22
CA PRO B 53 9.21 5.60 20.30
C PRO B 53 9.30 4.36 21.22
N SER B 54 10.34 3.55 21.07
CA SER B 54 10.39 2.24 21.75
C SER B 54 11.80 1.65 21.95
N GLU B 55 12.56 1.50 20.88
CA GLU B 55 13.92 0.93 20.95
C GLU B 55 14.79 1.41 19.79
N GLU B 56 14.22 1.36 18.59
CA GLU B 56 14.85 1.91 17.38
C GLU B 56 15.35 3.36 17.52
N TRP B 57 14.94 4.09 18.57
CA TRP B 57 15.61 5.35 18.97
C TRP B 57 17.13 5.17 19.11
N VAL B 58 17.57 3.91 19.11
CA VAL B 58 18.97 3.65 18.82
C VAL B 58 19.33 4.44 17.52
N GLN B 59 18.89 3.96 16.37
CA GLN B 59 19.27 4.57 15.09
C GLN B 59 19.36 6.12 15.13
N LYS B 60 18.33 6.78 15.68
CA LYS B 60 18.30 8.26 15.74
C LYS B 60 18.80 8.85 17.07
N TYR B 61 18.85 8.03 18.12
CA TYR B 61 19.38 8.46 19.42
C TYR B 61 20.62 7.65 19.82
N VAL B 62 20.71 6.39 19.36
CA VAL B 62 21.98 5.61 19.49
C VAL B 62 23.03 5.89 18.38
N SER B 63 22.70 5.61 17.11
CA SER B 63 23.53 6.07 15.98
C SER B 63 23.41 7.59 15.80
N ASP B 64 22.25 8.13 16.18
CA ASP B 64 21.99 9.58 16.23
C ASP B 64 23.00 10.49 15.56
C1 NAG C . 3.70 14.34 -4.29
C2 NAG C . 4.78 13.55 -3.57
C3 NAG C . 5.82 14.40 -2.88
C4 NAG C . 6.35 15.47 -3.82
C5 NAG C . 5.19 16.23 -4.44
C6 NAG C . 5.63 17.10 -5.59
C7 NAG C . 3.87 11.46 -2.94
C8 NAG C . 3.21 10.62 -1.87
N2 NAG C . 4.16 12.70 -2.59
O3 NAG C . 6.88 13.56 -2.52
O4 NAG C . 7.05 16.30 -2.94
O5 NAG C . 4.29 15.35 -5.07
O6 NAG C . 5.90 16.27 -6.70
O7 NAG C . 4.15 11.01 -4.05
C1 NAG C . 8.29 16.83 -3.44
C2 NAG C . 8.76 17.78 -2.35
C3 NAG C . 10.08 18.45 -2.73
C4 NAG C . 11.07 17.37 -3.19
C5 NAG C . 10.40 16.52 -4.28
C6 NAG C . 11.31 15.45 -4.86
C7 NAG C . 7.15 19.55 -2.94
C8 NAG C . 5.98 20.37 -2.45
N2 NAG C . 7.67 18.68 -2.05
O3 NAG C . 10.60 19.14 -1.61
O4 NAG C . 12.26 17.98 -3.66
O5 NAG C . 9.28 15.88 -3.72
O6 NAG C . 10.51 14.64 -5.70
O7 NAG C . 7.58 19.70 -4.09
C1 NAG D . -12.42 -1.22 -6.79
C2 NAG D . -13.04 -0.27 -7.82
C3 NAG D . -14.49 -0.58 -8.15
C4 NAG D . -14.74 -2.09 -8.36
C5 NAG D . -13.92 -2.94 -7.36
C6 NAG D . -13.85 -4.40 -7.83
C7 NAG D . -12.34 2.14 -8.01
C8 NAG D . -11.73 2.02 -9.40
N2 NAG D . -12.91 1.10 -7.37
O3 NAG D . -14.78 0.13 -9.35
O4 NAG D . -16.11 -2.46 -8.16
O5 NAG D . -12.59 -2.53 -7.22
O6 NAG D . -13.30 -4.45 -9.14
O7 NAG D . -12.31 3.23 -7.48
C1 NAG D . -16.96 -2.33 -9.31
C2 NAG D . -18.09 -3.35 -9.28
C3 NAG D . -19.06 -3.21 -10.45
C4 NAG D . -19.51 -1.74 -10.61
C5 NAG D . -18.32 -0.79 -10.46
C6 NAG D . -18.71 0.69 -10.34
C7 NAG D . -17.49 -5.30 -7.95
C8 NAG D . -16.99 -6.71 -7.93
N2 NAG D . -17.61 -4.72 -9.15
O3 NAG D . -20.14 -4.08 -10.18
O4 NAG D . -20.19 -1.42 -11.82
O5 NAG D . -17.60 -1.08 -9.29
O6 NAG D . -18.07 1.27 -9.22
O7 NAG D . -17.77 -4.73 -6.88
C1 BMA D . -21.28 -2.28 -12.27
C2 BMA D . -22.45 -2.33 -11.26
C3 BMA D . -23.75 -1.78 -11.86
C4 BMA D . -23.43 -0.48 -12.58
C5 BMA D . -22.60 -0.81 -13.83
C6 BMA D . -21.90 0.45 -14.36
O2 BMA D . -22.17 -1.58 -10.07
O3 BMA D . -24.72 -1.56 -10.84
O4 BMA D . -24.62 0.21 -12.96
O5 BMA D . -21.67 -1.91 -13.60
O6 BMA D . -22.76 1.11 -15.31
#